data_1Q5D
#
_entry.id   1Q5D
#
_cell.length_a   60.430
_cell.length_b   60.430
_cell.length_c   252.840
_cell.angle_alpha   90.00
_cell.angle_beta   90.00
_cell.angle_gamma   90.00
#
_symmetry.space_group_name_H-M   'P 43 2 2'
#
loop_
_entity.id
_entity.type
_entity.pdbx_description
1 polymer 'P450 epoxidase'
2 non-polymer 'PROTOPORPHYRIN IX CONTAINING FE'
3 non-polymer 7,11-DIHYDROXY-8,8,10,12,16-PENTAMETHYL-3-[1-METHYL-2-(2-METHYL-THIAZOL-4-YL)VINYL]-4,17-DIOXABICYCLO[14.1.0]HEPTADECANE-5,9-DIONE
4 water water
#
_entity_poly.entity_id   1
_entity_poly.type   'polypeptide(L)'
_entity_poly.pdbx_seq_one_letter_code
;MTQEQANQSETKPAFDFKPFAPGYAEDPFPAIERLREATPIFYWDEGRSWVLTRYHDVSAVFRDERFAVSREEWESSAEY
SSAIPELSDMKKYGLFGLPPEDHARVRKLVNPSFTSRAIDLLRAEIQRTVDQLLDARSGQEEFDVVRDYAEGIPMRAISA
LLKVPAECDEKFRRFGSATARALGVGLVPRVDEETKTLVASVTEGLALLHGVLDERRRNPLENDVLTMLLQAEADGSRLS
TKELVALVGAIIAAGTDTTIYLIAFAVLNLLRSPEALELVKAEPGLMRNALDEVLRFDNILRIGTVRFARQDLEYCGASI
KKGEMVFLLIPSALRDGTVFSRPDVFDVRRDTSASLAYGRGPHVCPGVSLARLEAEIAVGTIFRRFPEMKLKETPVFGYH
PAFRNIESLNVILKPSKAG
;
_entity_poly.pdbx_strand_id   A
#
loop_
_chem_comp.id
_chem_comp.type
_chem_comp.name
_chem_comp.formula
EPB non-polymer 7,11-DIHYDROXY-8,8,10,12,16-PENTAMETHYL-3-[1-METHYL-2-(2-METHYL-THIAZOL-4-YL)VINYL]-4,17-DIOXABICYCLO[14.1.0]HEPTADECANE-5,9-DIONE 'C27 H41 N O6 S'
HEM non-polymer 'PROTOPORPHYRIN IX CONTAINING FE' 'C34 H32 Fe N4 O4'
#
# COMPACT_ATOMS: atom_id res chain seq x y z
N ASP A 16 6.37 -0.61 -25.86
CA ASP A 16 6.11 -1.88 -25.21
C ASP A 16 5.88 -1.73 -23.70
N PHE A 17 4.63 -1.87 -23.26
CA PHE A 17 4.32 -1.93 -21.83
C PHE A 17 3.59 -3.21 -21.43
N LYS A 18 4.31 -4.11 -20.78
CA LYS A 18 3.79 -5.41 -20.36
C LYS A 18 4.08 -5.66 -18.90
N PRO A 19 3.33 -5.03 -18.00
CA PRO A 19 3.62 -5.14 -16.55
C PRO A 19 3.25 -6.51 -15.93
N PHE A 20 2.67 -7.42 -16.71
CA PHE A 20 2.41 -8.79 -16.24
C PHE A 20 3.34 -9.83 -16.87
N ALA A 21 4.29 -9.38 -17.67
CA ALA A 21 5.30 -10.26 -18.24
C ALA A 21 6.15 -10.86 -17.12
N PRO A 22 6.51 -12.12 -17.25
CA PRO A 22 7.47 -12.75 -16.34
C PRO A 22 8.71 -11.88 -16.27
N GLY A 23 9.24 -11.71 -15.06
CA GLY A 23 10.39 -10.85 -14.87
C GLY A 23 10.13 -9.39 -14.55
N TYR A 24 8.94 -8.88 -14.89
CA TYR A 24 8.65 -7.45 -14.73
C TYR A 24 8.64 -7.06 -13.26
N ALA A 25 7.86 -7.77 -12.46
CA ALA A 25 7.85 -7.51 -11.01
C ALA A 25 9.27 -7.50 -10.43
N GLU A 26 10.07 -8.52 -10.75
CA GLU A 26 11.44 -8.61 -10.26
C GLU A 26 12.29 -7.38 -10.61
N ASP A 27 12.11 -6.85 -11.81
CA ASP A 27 12.91 -5.72 -12.25
C ASP A 27 12.26 -5.02 -13.44
N PRO A 28 11.32 -4.12 -13.15
CA PRO A 28 10.59 -3.41 -14.19
C PRO A 28 11.33 -2.23 -14.75
N PHE A 29 12.51 -1.93 -14.20
CA PHE A 29 13.11 -0.63 -14.45
C PHE A 29 13.62 -0.37 -15.87
N PRO A 30 14.32 -1.33 -16.47
CA PRO A 30 14.73 -1.20 -17.87
C PRO A 30 13.54 -0.97 -18.82
N ALA A 31 12.46 -1.71 -18.63
CA ALA A 31 11.26 -1.54 -19.47
C ALA A 31 10.57 -0.19 -19.31
N ILE A 32 10.36 0.27 -18.09
CA ILE A 32 9.73 1.55 -17.93
C ILE A 32 10.66 2.73 -18.23
N GLU A 33 11.98 2.55 -18.07
CA GLU A 33 12.92 3.60 -18.45
C GLU A 33 12.79 3.86 -19.97
N ARG A 34 12.78 2.77 -20.74
CA ARG A 34 12.56 2.86 -22.18
C ARG A 34 11.30 3.64 -22.50
N LEU A 35 10.23 3.34 -21.77
CA LEU A 35 8.97 4.10 -21.93
C LEU A 35 9.14 5.57 -21.54
N ARG A 36 9.64 5.81 -20.34
CA ARG A 36 9.77 7.17 -19.82
C ARG A 36 10.58 8.08 -20.76
N GLU A 37 11.68 7.56 -21.26
CA GLU A 37 12.56 8.35 -22.12
C GLU A 37 11.93 8.63 -23.49
N ALA A 38 11.12 7.70 -23.99
CA ALA A 38 10.51 7.85 -25.31
C ALA A 38 9.27 8.76 -25.32
N THR A 39 8.52 8.80 -24.21
CA THR A 39 7.26 9.54 -24.19
C THR A 39 6.79 9.83 -22.75
N PRO A 40 6.11 10.96 -22.57
CA PRO A 40 5.51 11.31 -21.27
C PRO A 40 4.18 10.59 -21.05
N ILE A 41 3.57 10.09 -22.12
CA ILE A 41 2.24 9.48 -22.04
C ILE A 41 2.01 8.47 -23.17
N PHE A 42 1.32 7.39 -22.86
CA PHE A 42 0.94 6.44 -23.87
C PHE A 42 -0.36 5.77 -23.46
N TYR A 43 -1.07 5.20 -24.45
CA TYR A 43 -2.28 4.46 -24.15
C TYR A 43 -1.95 2.98 -23.97
N TRP A 44 -2.41 2.42 -22.85
CA TRP A 44 -2.15 1.03 -22.51
C TRP A 44 -3.36 0.22 -22.93
N ASP A 45 -3.22 -0.54 -24.01
CA ASP A 45 -4.33 -1.28 -24.58
C ASP A 45 -5.07 -2.15 -23.58
N GLU A 46 -4.38 -3.09 -22.94
CA GLU A 46 -5.06 -4.03 -22.05
C GLU A 46 -5.58 -3.34 -20.79
N GLY A 47 -4.87 -2.30 -20.36
CA GLY A 47 -5.30 -1.54 -19.20
C GLY A 47 -6.44 -0.59 -19.53
N ARG A 48 -6.69 -0.37 -20.82
CA ARG A 48 -7.73 0.57 -21.25
C ARG A 48 -7.56 1.93 -20.57
N SER A 49 -6.35 2.45 -20.54
CA SER A 49 -6.15 3.75 -19.92
C SER A 49 -4.85 4.38 -20.38
N TRP A 50 -4.75 5.69 -20.22
CA TRP A 50 -3.50 6.39 -20.47
C TRP A 50 -2.51 6.15 -19.33
N VAL A 51 -1.21 6.26 -19.61
CA VAL A 51 -0.15 6.01 -18.64
C VAL A 51 0.84 7.17 -18.66
N LEU A 52 1.03 7.81 -17.51
CA LEU A 52 2.00 8.90 -17.40
C LEU A 52 3.31 8.40 -16.79
N THR A 53 4.41 8.69 -17.47
CA THR A 53 5.71 8.13 -17.13
C THR A 53 6.70 9.04 -16.38
N ARG A 54 6.44 10.34 -16.33
CA ARG A 54 7.45 11.25 -15.80
C ARG A 54 7.03 11.95 -14.50
N TYR A 55 8.00 12.16 -13.61
CA TYR A 55 7.70 12.74 -12.29
C TYR A 55 6.78 13.96 -12.34
N HIS A 56 7.15 14.98 -13.11
CA HIS A 56 6.40 16.24 -13.04
C HIS A 56 4.96 16.13 -13.50
N ASP A 57 4.73 15.29 -14.51
CA ASP A 57 3.38 15.06 -14.98
C ASP A 57 2.58 14.24 -13.97
N VAL A 58 3.21 13.19 -13.44
CA VAL A 58 2.60 12.37 -12.39
C VAL A 58 2.26 13.23 -11.16
N SER A 59 3.23 13.97 -10.66
CA SER A 59 3.03 14.81 -9.50
C SER A 59 1.93 15.84 -9.75
N ALA A 60 1.92 16.43 -10.93
CA ALA A 60 0.92 17.45 -11.26
C ALA A 60 -0.50 16.91 -11.20
N VAL A 61 -0.71 15.72 -11.74
CA VAL A 61 -2.03 15.10 -11.78
C VAL A 61 -2.60 14.86 -10.37
N PHE A 62 -1.74 14.48 -9.43
CA PHE A 62 -2.18 14.30 -8.05
C PHE A 62 -2.98 15.52 -7.58
N ARG A 63 -2.54 16.70 -8.02
CA ARG A 63 -3.12 17.96 -7.58
C ARG A 63 -3.95 18.67 -8.66
N ASP A 64 -4.39 17.92 -9.66
CA ASP A 64 -5.15 18.50 -10.77
C ASP A 64 -6.63 18.12 -10.65
N GLU A 65 -7.47 19.07 -10.27
CA GLU A 65 -8.87 18.77 -9.99
C GLU A 65 -9.65 18.31 -11.22
N ARG A 66 -9.05 18.47 -12.39
CA ARG A 66 -9.62 17.92 -13.62
C ARG A 66 -9.64 16.37 -13.59
N PHE A 67 -8.79 15.80 -12.74
CA PHE A 67 -8.69 14.34 -12.65
C PHE A 67 -9.31 13.83 -11.35
N ALA A 68 -10.37 13.03 -11.48
CA ALA A 68 -11.10 12.53 -10.31
C ALA A 68 -10.58 11.17 -9.82
N VAL A 69 -10.87 10.88 -8.55
CA VAL A 69 -10.57 9.58 -7.93
C VAL A 69 -11.74 8.61 -8.04
N SER A 70 -12.97 9.11 -7.86
CA SER A 70 -14.16 8.25 -7.90
C SER A 70 -14.26 7.44 -9.18
N ARG A 71 -14.40 6.13 -9.02
CA ARG A 71 -14.47 5.22 -10.16
C ARG A 71 -15.75 5.45 -10.94
N GLU A 72 -16.69 6.18 -10.35
CA GLU A 72 -17.97 6.47 -10.99
C GLU A 72 -17.83 7.50 -12.12
N GLU A 73 -16.65 8.12 -12.21
CA GLU A 73 -16.34 9.01 -13.32
C GLU A 73 -15.79 8.24 -14.53
N TRP A 74 -15.49 6.97 -14.31
CA TRP A 74 -14.97 6.10 -15.37
C TRP A 74 -16.01 5.78 -16.45
N GLU A 75 -15.54 5.61 -17.67
CA GLU A 75 -16.40 5.23 -18.77
C GLU A 75 -16.94 3.81 -18.59
N SER A 76 -16.23 2.98 -17.81
CA SER A 76 -16.67 1.61 -17.55
C SER A 76 -17.24 1.47 -16.14
N SER A 77 -17.75 2.56 -15.59
CA SER A 77 -18.31 2.56 -14.26
C SER A 77 -19.35 1.47 -14.02
N ALA A 78 -20.29 1.32 -14.95
CA ALA A 78 -21.39 0.36 -14.83
C ALA A 78 -20.84 -1.04 -14.63
N GLU A 79 -19.96 -1.43 -15.53
CA GLU A 79 -19.30 -2.71 -15.41
C GLU A 79 -18.58 -2.81 -14.03
N TYR A 80 -17.96 -1.72 -13.60
CA TYR A 80 -17.21 -1.74 -12.33
C TYR A 80 -18.09 -1.83 -11.08
N SER A 81 -19.11 -0.99 -11.01
CA SER A 81 -20.01 -1.02 -9.85
C SER A 81 -20.73 -2.35 -9.73
N SER A 82 -20.97 -3.00 -10.86
CA SER A 82 -21.68 -4.29 -10.85
C SER A 82 -20.78 -5.45 -10.43
N ALA A 83 -19.47 -5.31 -10.63
CA ALA A 83 -18.54 -6.36 -10.25
C ALA A 83 -18.42 -6.44 -8.72
N ILE A 84 -18.40 -7.66 -8.19
CA ILE A 84 -18.27 -7.87 -6.75
C ILE A 84 -19.21 -6.98 -5.96
N PRO A 85 -20.51 -7.29 -6.04
CA PRO A 85 -21.56 -6.48 -5.41
C PRO A 85 -21.41 -6.41 -3.90
N GLU A 86 -20.68 -7.35 -3.32
CA GLU A 86 -20.39 -7.37 -1.89
C GLU A 86 -19.55 -6.16 -1.48
N LEU A 87 -18.90 -5.54 -2.47
CA LEU A 87 -18.02 -4.39 -2.23
C LEU A 87 -18.62 -3.08 -2.74
N SER A 88 -19.88 -3.13 -3.17
CA SER A 88 -20.57 -1.96 -3.75
C SER A 88 -20.57 -0.77 -2.79
N ASP A 89 -20.94 -1.01 -1.55
CA ASP A 89 -20.93 0.01 -0.52
C ASP A 89 -19.53 0.61 -0.32
N MET A 90 -18.52 -0.24 -0.25
CA MET A 90 -17.15 0.22 -0.05
C MET A 90 -16.66 1.09 -1.20
N LYS A 91 -17.11 0.75 -2.41
CA LYS A 91 -16.71 1.50 -3.59
C LYS A 91 -17.35 2.89 -3.61
N LYS A 92 -18.58 2.98 -3.13
CA LYS A 92 -19.27 4.25 -3.27
C LYS A 92 -19.15 5.15 -2.04
N TYR A 93 -19.15 4.56 -0.86
CA TYR A 93 -19.00 5.29 0.40
C TYR A 93 -17.57 5.27 0.94
N GLY A 94 -16.67 4.55 0.26
CA GLY A 94 -15.27 4.53 0.68
C GLY A 94 -14.54 5.78 0.21
N LEU A 95 -13.28 5.89 0.61
CA LEU A 95 -12.50 7.09 0.35
C LEU A 95 -12.24 7.34 -1.13
N PHE A 96 -12.22 6.30 -1.95
CA PHE A 96 -12.03 6.48 -3.40
C PHE A 96 -13.33 6.83 -4.13
N GLY A 97 -14.47 6.65 -3.48
CA GLY A 97 -15.73 6.90 -4.13
C GLY A 97 -16.46 8.15 -3.70
N LEU A 98 -16.24 8.60 -2.47
CA LEU A 98 -16.95 9.77 -1.95
C LEU A 98 -16.69 11.05 -2.77
N PRO A 99 -17.72 11.89 -2.92
CA PRO A 99 -17.54 13.20 -3.56
C PRO A 99 -16.57 14.06 -2.74
N PRO A 100 -15.86 15.00 -3.37
CA PRO A 100 -14.78 15.73 -2.73
C PRO A 100 -15.13 16.28 -1.35
N GLU A 101 -16.30 16.92 -1.23
CA GLU A 101 -16.72 17.50 0.04
C GLU A 101 -16.84 16.44 1.15
N ASP A 102 -17.45 15.30 0.81
CA ASP A 102 -17.59 14.21 1.77
C ASP A 102 -16.25 13.54 2.09
N HIS A 103 -15.40 13.39 1.08
CA HIS A 103 -14.09 12.81 1.30
C HIS A 103 -13.30 13.64 2.33
N ALA A 104 -13.33 14.97 2.18
CA ALA A 104 -12.58 15.84 3.09
C ALA A 104 -13.08 15.70 4.52
N ARG A 105 -14.40 15.56 4.65
CA ARG A 105 -15.03 15.43 5.95
C ARG A 105 -14.52 14.17 6.64
N VAL A 106 -14.61 13.04 5.95
CA VAL A 106 -14.14 11.77 6.50
C VAL A 106 -12.65 11.82 6.86
N ARG A 107 -11.81 12.33 5.95
CA ARG A 107 -10.37 12.46 6.26
C ARG A 107 -10.09 13.38 7.46
N LYS A 108 -10.78 14.52 7.52
CA LYS A 108 -10.56 15.48 8.60
C LYS A 108 -10.86 14.79 9.93
N LEU A 109 -11.87 13.93 9.90
CA LEU A 109 -12.28 13.16 11.08
C LEU A 109 -11.25 12.12 11.54
N VAL A 110 -10.67 11.36 10.61
CA VAL A 110 -9.81 10.24 11.00
C VAL A 110 -8.32 10.59 11.05
N ASN A 111 -7.90 11.65 10.33
CA ASN A 111 -6.48 11.98 10.23
C ASN A 111 -5.75 12.11 11.59
N PRO A 112 -6.36 12.79 12.56
CA PRO A 112 -5.72 12.94 13.89
C PRO A 112 -5.34 11.60 14.53
N SER A 113 -6.11 10.56 14.24
CA SER A 113 -5.83 9.24 14.79
C SER A 113 -4.60 8.57 14.18
N PHE A 114 -4.10 9.10 13.08
CA PHE A 114 -2.97 8.49 12.39
C PHE A 114 -1.65 9.29 12.43
N THR A 115 -1.56 10.37 13.19
CA THR A 115 -0.28 11.10 13.30
C THR A 115 0.77 10.22 13.95
N SER A 116 2.05 10.55 13.76
CA SER A 116 3.16 9.85 14.41
C SER A 116 3.00 9.76 15.93
N ARG A 117 2.50 10.84 16.52
CA ARG A 117 2.25 10.91 17.95
C ARG A 117 1.16 9.92 18.39
N ALA A 118 0.04 9.92 17.67
CA ALA A 118 -1.07 9.03 17.99
C ALA A 118 -0.69 7.56 17.85
N ILE A 119 0.04 7.21 16.80
CA ILE A 119 0.39 5.79 16.58
C ILE A 119 1.61 5.30 17.36
N ASP A 120 2.27 6.20 18.06
CA ASP A 120 3.40 5.83 18.91
C ASP A 120 3.03 4.79 19.96
N LEU A 121 1.79 4.81 20.42
CA LEU A 121 1.34 3.92 21.48
C LEU A 121 1.43 2.46 21.06
N LEU A 122 1.43 2.22 19.74
CA LEU A 122 1.47 0.87 19.18
C LEU A 122 2.87 0.27 19.23
N ARG A 123 3.85 1.09 19.61
CA ARG A 123 5.24 0.68 19.53
C ARG A 123 5.52 -0.62 20.27
N ALA A 124 4.98 -0.74 21.48
CA ALA A 124 5.23 -1.92 22.29
C ALA A 124 4.67 -3.19 21.67
N GLU A 125 3.42 -3.13 21.22
CA GLU A 125 2.75 -4.30 20.67
C GLU A 125 3.43 -4.76 19.38
N ILE A 126 3.83 -3.80 18.54
CA ILE A 126 4.54 -4.16 17.31
C ILE A 126 5.86 -4.87 17.62
N GLN A 127 6.63 -4.32 18.57
CA GLN A 127 7.89 -4.96 18.97
C GLN A 127 7.68 -6.39 19.51
N ARG A 128 6.70 -6.56 20.38
CA ARG A 128 6.27 -7.87 20.87
C ARG A 128 6.02 -8.87 19.72
N THR A 129 5.23 -8.45 18.74
CA THR A 129 4.88 -9.32 17.62
C THR A 129 6.15 -9.71 16.86
N VAL A 130 6.97 -8.70 16.55
CA VAL A 130 8.25 -8.89 15.88
C VAL A 130 9.15 -9.85 16.68
N ASP A 131 9.16 -9.70 18.01
CA ASP A 131 9.94 -10.56 18.87
C ASP A 131 9.48 -12.00 18.78
N GLN A 132 8.16 -12.20 18.87
CA GLN A 132 7.60 -13.55 18.88
C GLN A 132 7.75 -14.27 17.53
N LEU A 133 7.69 -13.52 16.44
CA LEU A 133 7.91 -14.11 15.12
C LEU A 133 9.34 -14.62 14.99
N LEU A 134 10.30 -13.83 15.46
CA LEU A 134 11.71 -14.20 15.39
C LEU A 134 12.06 -15.36 16.32
N ASP A 135 11.48 -15.38 17.51
CA ASP A 135 11.66 -16.49 18.45
C ASP A 135 11.07 -17.79 17.91
N ALA A 136 9.89 -17.70 17.32
CA ALA A 136 9.19 -18.86 16.78
C ALA A 136 9.93 -19.59 15.66
N ARG A 137 10.76 -18.89 14.88
CA ARG A 137 11.30 -19.50 13.67
C ARG A 137 12.79 -19.30 13.38
N SER A 138 13.45 -18.44 14.14
CA SER A 138 14.84 -18.13 13.85
C SER A 138 15.77 -19.34 13.93
N GLY A 139 15.27 -20.42 14.51
CA GLY A 139 16.10 -21.60 14.78
C GLY A 139 16.36 -22.50 13.59
N GLN A 140 15.46 -22.43 12.60
CA GLN A 140 15.56 -23.28 11.41
C GLN A 140 16.78 -23.00 10.56
N GLU A 141 16.99 -23.85 9.55
CA GLU A 141 18.02 -23.60 8.55
C GLU A 141 17.58 -22.44 7.67
N GLU A 142 16.30 -22.46 7.30
CA GLU A 142 15.73 -21.48 6.37
C GLU A 142 14.70 -20.57 7.05
N PHE A 143 14.78 -19.28 6.73
CA PHE A 143 13.83 -18.29 7.23
C PHE A 143 13.28 -17.48 6.05
N ASP A 144 11.96 -17.49 5.91
CA ASP A 144 11.30 -16.73 4.86
C ASP A 144 10.80 -15.39 5.40
N VAL A 145 11.46 -14.32 4.99
CA VAL A 145 11.16 -12.98 5.48
C VAL A 145 9.73 -12.55 5.15
N VAL A 146 9.16 -13.14 4.11
CA VAL A 146 7.75 -12.92 3.86
C VAL A 146 6.88 -13.77 4.79
N ARG A 147 6.83 -15.08 4.54
CA ARG A 147 5.87 -15.94 5.24
C ARG A 147 6.09 -16.06 6.75
N ASP A 148 7.34 -16.02 7.19
CA ASP A 148 7.66 -16.21 8.61
C ASP A 148 7.78 -14.89 9.39
N TYR A 149 7.68 -13.77 8.70
CA TYR A 149 7.99 -12.49 9.34
C TYR A 149 7.09 -11.37 8.90
N ALA A 150 7.33 -10.85 7.70
CA ALA A 150 6.61 -9.68 7.23
C ALA A 150 5.11 -9.92 7.19
N GLU A 151 4.72 -11.12 6.78
CA GLU A 151 3.30 -11.44 6.63
C GLU A 151 2.53 -11.33 7.94
N GLY A 152 3.20 -11.57 9.06
CA GLY A 152 2.48 -11.61 10.33
C GLY A 152 2.52 -10.31 11.12
N ILE A 153 3.03 -9.24 10.52
CA ILE A 153 3.18 -7.98 11.27
C ILE A 153 2.07 -6.95 11.04
N PRO A 154 1.83 -6.56 9.79
CA PRO A 154 0.87 -5.49 9.51
C PRO A 154 -0.55 -5.64 10.05
N MET A 155 -1.12 -6.85 10.08
CA MET A 155 -2.50 -6.91 10.60
C MET A 155 -2.48 -6.79 12.10
N ARG A 156 -1.44 -7.33 12.72
CA ARG A 156 -1.35 -7.18 14.19
C ARG A 156 -1.37 -5.69 14.52
N ALA A 157 -0.62 -4.90 13.77
CA ALA A 157 -0.55 -3.45 13.99
C ALA A 157 -1.92 -2.80 13.88
N ILE A 158 -2.59 -3.07 12.76
CA ILE A 158 -3.92 -2.52 12.55
C ILE A 158 -4.91 -3.01 13.63
N SER A 159 -4.85 -4.29 13.94
CA SER A 159 -5.74 -4.88 14.96
C SER A 159 -5.51 -4.28 16.35
N ALA A 160 -4.25 -3.99 16.66
CA ALA A 160 -3.92 -3.30 17.91
C ALA A 160 -4.54 -1.91 17.91
N LEU A 161 -4.45 -1.20 16.77
CA LEU A 161 -5.04 0.14 16.66
C LEU A 161 -6.57 0.08 16.80
N LEU A 162 -7.15 -1.03 16.33
CA LEU A 162 -8.58 -1.24 16.36
C LEU A 162 -9.03 -1.97 17.63
N LYS A 163 -8.06 -2.39 18.45
CA LYS A 163 -8.32 -3.15 19.66
C LYS A 163 -9.08 -4.44 19.36
N VAL A 164 -8.58 -5.17 18.37
CA VAL A 164 -9.11 -6.47 18.00
C VAL A 164 -8.13 -7.52 18.51
N PRO A 165 -8.63 -8.59 19.11
CA PRO A 165 -7.77 -9.68 19.65
C PRO A 165 -6.88 -10.32 18.58
N ALA A 166 -5.67 -10.73 18.96
CA ALA A 166 -4.73 -11.35 18.02
C ALA A 166 -5.33 -12.60 17.34
N GLU A 167 -6.38 -13.13 17.95
CA GLU A 167 -7.05 -14.31 17.43
C GLU A 167 -7.65 -14.07 16.04
N CYS A 168 -8.13 -12.84 15.81
CA CYS A 168 -8.80 -12.47 14.56
C CYS A 168 -7.85 -12.02 13.46
N ASP A 169 -6.57 -12.01 13.74
CA ASP A 169 -5.59 -11.43 12.82
C ASP A 169 -5.60 -12.12 11.46
N GLU A 170 -5.52 -13.44 11.46
CA GLU A 170 -5.43 -14.21 10.23
C GLU A 170 -6.64 -14.01 9.33
N LYS A 171 -7.82 -13.97 9.95
CA LYS A 171 -9.05 -13.75 9.18
C LYS A 171 -9.13 -12.35 8.61
N PHE A 172 -8.69 -11.36 9.38
CA PHE A 172 -8.69 -9.98 8.87
C PHE A 172 -7.62 -9.73 7.80
N ARG A 173 -6.45 -10.36 7.94
CA ARG A 173 -5.43 -10.24 6.92
C ARG A 173 -5.93 -10.82 5.61
N ARG A 174 -6.66 -11.93 5.70
CA ARG A 174 -7.20 -12.58 4.50
C ARG A 174 -8.23 -11.69 3.87
N PHE A 175 -9.06 -11.08 4.70
CA PHE A 175 -10.03 -10.10 4.25
C PHE A 175 -9.32 -8.92 3.55
N GLY A 176 -8.29 -8.38 4.21
CA GLY A 176 -7.57 -7.24 3.68
C GLY A 176 -6.98 -7.54 2.32
N SER A 177 -6.25 -8.64 2.23
CA SER A 177 -5.58 -9.00 1.00
C SER A 177 -6.57 -9.36 -0.13
N ALA A 178 -7.65 -10.04 0.23
CA ALA A 178 -8.72 -10.39 -0.72
C ALA A 178 -9.46 -9.17 -1.22
N THR A 179 -9.78 -8.26 -0.32
CA THR A 179 -10.47 -7.03 -0.68
C THR A 179 -9.64 -6.20 -1.66
N ALA A 180 -8.35 -6.07 -1.38
CA ALA A 180 -7.49 -5.27 -2.25
C ALA A 180 -7.48 -5.80 -3.69
N ARG A 181 -7.40 -7.13 -3.84
CA ARG A 181 -7.49 -7.79 -5.15
C ARG A 181 -8.88 -7.67 -5.77
N ALA A 182 -9.91 -7.89 -4.96
CA ALA A 182 -11.28 -7.89 -5.45
C ALA A 182 -11.66 -6.51 -6.00
N LEU A 183 -11.15 -5.46 -5.36
CA LEU A 183 -11.42 -4.11 -5.82
C LEU A 183 -10.85 -3.87 -7.21
N GLY A 184 -9.97 -4.75 -7.64
CA GLY A 184 -9.40 -4.63 -8.99
C GLY A 184 -10.20 -5.30 -10.09
N VAL A 185 -11.18 -6.13 -9.71
CA VAL A 185 -11.97 -6.90 -10.69
C VAL A 185 -12.83 -5.94 -11.48
N GLY A 186 -12.59 -5.91 -12.79
CA GLY A 186 -13.32 -5.01 -13.66
C GLY A 186 -12.68 -3.65 -13.79
N LEU A 187 -11.61 -3.41 -13.03
CA LEU A 187 -10.93 -2.13 -13.02
C LEU A 187 -9.55 -2.27 -13.64
N VAL A 188 -8.77 -3.23 -13.13
CA VAL A 188 -7.43 -3.51 -13.65
C VAL A 188 -7.37 -4.90 -14.28
N PRO A 189 -6.54 -5.03 -15.32
CA PRO A 189 -6.49 -6.17 -16.26
C PRO A 189 -6.50 -7.65 -15.85
N ARG A 190 -5.75 -8.03 -14.81
CA ARG A 190 -5.52 -9.44 -14.52
C ARG A 190 -5.45 -9.69 -13.02
N VAL A 191 -6.60 -9.78 -12.38
CA VAL A 191 -6.64 -10.08 -10.95
C VAL A 191 -6.30 -11.57 -10.80
N ASP A 192 -5.33 -11.87 -9.96
CA ASP A 192 -4.67 -13.19 -9.98
C ASP A 192 -5.26 -14.24 -9.01
N GLU A 193 -6.58 -14.36 -8.96
CA GLU A 193 -7.24 -15.28 -8.02
C GLU A 193 -8.67 -15.65 -8.45
N GLU A 194 -9.14 -16.80 -7.99
CA GLU A 194 -10.51 -17.25 -8.21
C GLU A 194 -11.52 -16.35 -7.52
N THR A 195 -12.54 -15.95 -8.25
CA THR A 195 -13.55 -15.01 -7.75
C THR A 195 -14.24 -15.52 -6.51
N LYS A 196 -14.58 -16.81 -6.48
CA LYS A 196 -15.30 -17.38 -5.34
C LYS A 196 -14.50 -17.26 -4.05
N THR A 197 -13.20 -17.52 -4.12
CA THR A 197 -12.34 -17.47 -2.95
C THR A 197 -12.26 -16.02 -2.45
N LEU A 198 -12.05 -15.10 -3.38
CA LEU A 198 -12.01 -13.67 -3.08
C LEU A 198 -13.28 -13.22 -2.38
N VAL A 199 -14.42 -13.59 -2.95
CA VAL A 199 -15.70 -13.17 -2.42
C VAL A 199 -15.97 -13.79 -1.04
N ALA A 200 -15.53 -15.03 -0.84
CA ALA A 200 -15.71 -15.68 0.46
C ALA A 200 -14.96 -14.89 1.55
N SER A 201 -13.67 -14.64 1.32
CA SER A 201 -12.83 -13.87 2.26
C SER A 201 -13.40 -12.48 2.51
N VAL A 202 -13.95 -11.85 1.47
CA VAL A 202 -14.56 -10.53 1.63
C VAL A 202 -15.82 -10.57 2.48
N THR A 203 -16.68 -11.54 2.19
CA THR A 203 -17.90 -11.75 2.98
C THR A 203 -17.62 -12.04 4.44
N GLU A 204 -16.72 -12.98 4.68
CA GLU A 204 -16.33 -13.37 6.02
C GLU A 204 -15.79 -12.16 6.79
N GLY A 205 -14.92 -11.40 6.13
CA GLY A 205 -14.31 -10.22 6.73
C GLY A 205 -15.30 -9.13 7.10
N LEU A 206 -16.24 -8.85 6.20
CA LEU A 206 -17.24 -7.83 6.44
C LEU A 206 -18.13 -8.22 7.61
N ALA A 207 -18.47 -9.51 7.70
CA ALA A 207 -19.27 -10.03 8.83
C ALA A 207 -18.54 -9.82 10.14
N LEU A 208 -17.28 -10.26 10.17
CA LEU A 208 -16.42 -10.11 11.33
C LEU A 208 -16.30 -8.64 11.74
N LEU A 209 -16.07 -7.78 10.76
CA LEU A 209 -15.99 -6.34 11.01
C LEU A 209 -17.28 -5.84 11.67
N HIS A 210 -18.41 -6.29 11.14
CA HIS A 210 -19.71 -5.91 11.70
C HIS A 210 -19.81 -6.30 13.19
N GLY A 211 -19.32 -7.50 13.50
CA GLY A 211 -19.28 -7.98 14.89
C GLY A 211 -18.38 -7.17 15.81
N VAL A 212 -17.21 -6.78 15.29
CA VAL A 212 -16.26 -5.96 16.04
C VAL A 212 -16.86 -4.59 16.32
N LEU A 213 -17.48 -4.00 15.32
CA LEU A 213 -18.09 -2.69 15.48
C LEU A 213 -19.29 -2.72 16.45
N ASP A 214 -20.14 -3.74 16.33
CA ASP A 214 -21.28 -3.88 17.25
C ASP A 214 -20.80 -4.08 18.70
N GLU A 215 -19.71 -4.82 18.89
CA GLU A 215 -19.17 -5.02 20.24
C GLU A 215 -18.60 -3.73 20.81
N ARG A 216 -17.92 -2.95 19.97
CA ARG A 216 -17.36 -1.68 20.42
C ARG A 216 -18.47 -0.68 20.72
N ARG A 217 -19.62 -0.85 20.06
CA ARG A 217 -20.75 0.04 20.33
C ARG A 217 -21.31 -0.30 21.71
N ARG A 218 -21.24 -1.59 22.04
CA ARG A 218 -21.70 -2.12 23.32
C ARG A 218 -20.74 -1.77 24.47
N ASN A 219 -19.45 -1.92 24.20
CA ASN A 219 -18.39 -1.52 25.13
C ASN A 219 -17.42 -0.44 24.61
N PRO A 220 -17.86 0.81 24.50
CA PRO A 220 -17.01 1.88 23.94
C PRO A 220 -15.80 2.10 24.85
N LEU A 221 -14.71 2.62 24.28
CA LEU A 221 -13.47 2.80 25.03
C LEU A 221 -12.93 4.24 24.97
N GLU A 222 -12.06 4.59 25.92
CA GLU A 222 -11.42 5.90 25.92
C GLU A 222 -10.20 5.89 24.99
N ASN A 223 -9.90 7.05 24.40
CA ASN A 223 -8.76 7.20 23.49
C ASN A 223 -8.72 6.05 22.50
N ASP A 224 -9.81 5.90 21.76
CA ASP A 224 -9.98 4.72 20.91
C ASP A 224 -10.53 5.15 19.57
N VAL A 225 -9.88 4.72 18.48
CA VAL A 225 -10.21 5.20 17.16
C VAL A 225 -11.62 4.80 16.76
N LEU A 226 -11.91 3.51 16.89
CA LEU A 226 -13.25 3.00 16.57
C LEU A 226 -14.35 3.65 17.40
N THR A 227 -14.15 3.74 18.71
CA THR A 227 -15.13 4.44 19.54
C THR A 227 -15.36 5.85 19.02
N MET A 228 -14.27 6.53 18.70
CA MET A 228 -14.36 7.90 18.17
C MET A 228 -15.20 7.94 16.90
N LEU A 229 -14.94 7.01 15.98
CA LEU A 229 -15.69 6.95 14.74
C LEU A 229 -17.17 6.65 15.02
N LEU A 230 -17.41 5.71 15.93
CA LEU A 230 -18.78 5.34 16.25
C LEU A 230 -19.58 6.51 16.82
N GLN A 231 -18.93 7.31 17.67
CA GLN A 231 -19.57 8.48 18.24
C GLN A 231 -19.89 9.52 17.18
N ALA A 232 -18.94 9.75 16.27
CA ALA A 232 -19.17 10.61 15.13
C ALA A 232 -20.39 10.16 14.33
N GLU A 233 -20.55 8.85 14.17
CA GLU A 233 -21.65 8.30 13.40
C GLU A 233 -22.99 8.51 14.12
N ALA A 234 -22.97 8.39 15.45
CA ALA A 234 -24.17 8.52 16.27
C ALA A 234 -24.65 9.96 16.38
N ASP A 235 -23.72 10.87 16.67
CA ASP A 235 -24.03 12.28 16.87
C ASP A 235 -24.49 12.95 15.58
N GLY A 236 -24.02 14.18 15.35
CA GLY A 236 -24.39 14.93 14.17
C GLY A 236 -24.11 14.19 12.87
N SER A 237 -24.18 14.92 11.76
CA SER A 237 -23.91 14.35 10.46
C SER A 237 -22.45 14.54 10.09
N ARG A 238 -21.57 13.84 10.82
CA ARG A 238 -20.14 13.90 10.55
C ARG A 238 -19.63 12.60 9.91
N LEU A 239 -20.42 11.53 10.03
CA LEU A 239 -20.05 10.24 9.45
C LEU A 239 -21.27 9.31 9.38
N SER A 240 -21.51 8.72 8.22
CA SER A 240 -22.59 7.75 8.06
C SER A 240 -22.14 6.34 8.39
N THR A 241 -23.10 5.45 8.67
CA THR A 241 -22.78 4.06 8.96
C THR A 241 -22.00 3.42 7.81
N LYS A 242 -22.43 3.66 6.57
CA LYS A 242 -21.76 3.05 5.41
C LYS A 242 -20.35 3.63 5.20
N GLU A 243 -20.20 4.92 5.47
CA GLU A 243 -18.91 5.58 5.36
C GLU A 243 -17.98 4.97 6.41
N LEU A 244 -18.50 4.78 7.61
CA LEU A 244 -17.71 4.23 8.71
C LEU A 244 -17.24 2.81 8.39
N VAL A 245 -18.15 1.98 7.91
CA VAL A 245 -17.78 0.60 7.60
C VAL A 245 -16.79 0.59 6.45
N ALA A 246 -17.04 1.44 5.45
CA ALA A 246 -16.14 1.50 4.30
C ALA A 246 -14.75 1.97 4.72
N LEU A 247 -14.70 2.86 5.71
CA LEU A 247 -13.43 3.41 6.19
C LEU A 247 -12.56 2.38 6.88
N VAL A 248 -13.16 1.65 7.80
CA VAL A 248 -12.43 0.64 8.55
C VAL A 248 -12.03 -0.48 7.60
N GLY A 249 -12.94 -0.85 6.70
CA GLY A 249 -12.60 -1.88 5.73
C GLY A 249 -11.42 -1.47 4.87
N ALA A 250 -11.42 -0.22 4.45
CA ALA A 250 -10.38 0.31 3.57
C ALA A 250 -9.03 0.39 4.30
N ILE A 251 -9.08 0.79 5.57
CA ILE A 251 -7.87 0.84 6.38
C ILE A 251 -7.21 -0.54 6.47
N ILE A 252 -8.00 -1.57 6.72
CA ILE A 252 -7.46 -2.92 6.78
C ILE A 252 -6.89 -3.36 5.44
N ALA A 253 -7.66 -3.15 4.37
CA ALA A 253 -7.25 -3.58 3.04
C ALA A 253 -6.06 -2.77 2.48
N ALA A 254 -6.00 -1.49 2.81
CA ALA A 254 -4.95 -0.63 2.28
C ALA A 254 -3.64 -0.82 3.05
N GLY A 255 -3.75 -1.19 4.32
CA GLY A 255 -2.60 -1.19 5.22
C GLY A 255 -1.94 -2.53 5.44
N THR A 256 -2.49 -3.57 4.83
CA THR A 256 -1.97 -4.90 5.03
C THR A 256 -0.85 -5.27 4.05
N ASP A 257 -1.20 -5.54 2.79
CA ASP A 257 -0.21 -6.01 1.85
C ASP A 257 0.87 -4.96 1.55
N THR A 258 0.47 -3.70 1.48
CA THR A 258 1.43 -2.62 1.25
C THR A 258 2.56 -2.74 2.26
N THR A 259 2.22 -2.85 3.54
CA THR A 259 3.25 -2.88 4.57
C THR A 259 4.11 -4.14 4.54
N ILE A 260 3.49 -5.27 4.20
CA ILE A 260 4.23 -6.51 4.06
C ILE A 260 5.36 -6.31 3.04
N TYR A 261 5.02 -5.70 1.90
CA TYR A 261 6.02 -5.54 0.85
C TYR A 261 7.08 -4.49 1.20
N LEU A 262 6.68 -3.47 1.92
CA LEU A 262 7.67 -2.48 2.40
C LEU A 262 8.75 -3.17 3.23
N ILE A 263 8.31 -3.95 4.21
CA ILE A 263 9.21 -4.69 5.07
C ILE A 263 10.07 -5.64 4.25
N ALA A 264 9.45 -6.41 3.37
CA ALA A 264 10.20 -7.37 2.57
C ALA A 264 11.18 -6.68 1.61
N PHE A 265 10.71 -5.64 0.93
CA PHE A 265 11.55 -4.91 -0.01
C PHE A 265 12.71 -4.22 0.76
N ALA A 266 12.43 -3.77 1.98
CA ALA A 266 13.48 -3.10 2.77
C ALA A 266 14.61 -4.07 3.10
N VAL A 267 14.25 -5.27 3.57
CA VAL A 267 15.23 -6.30 3.89
C VAL A 267 15.99 -6.71 2.63
N LEU A 268 15.27 -6.92 1.54
CA LEU A 268 15.89 -7.28 0.25
C LEU A 268 16.92 -6.24 -0.16
N ASN A 269 16.52 -4.97 -0.13
CA ASN A 269 17.39 -3.91 -0.60
C ASN A 269 18.59 -3.65 0.30
N LEU A 270 18.46 -3.96 1.59
CA LEU A 270 19.58 -3.82 2.51
C LEU A 270 20.53 -5.00 2.40
N LEU A 271 20.02 -6.19 2.09
CA LEU A 271 20.88 -7.33 1.76
C LEU A 271 21.63 -7.08 0.46
N ARG A 272 20.97 -6.42 -0.50
CA ARG A 272 21.55 -6.11 -1.81
C ARG A 272 22.58 -4.97 -1.80
N SER A 273 22.51 -4.08 -0.81
CA SER A 273 23.49 -2.99 -0.70
C SER A 273 24.22 -3.04 0.64
N PRO A 274 25.30 -3.81 0.70
CA PRO A 274 26.15 -3.85 1.90
C PRO A 274 26.54 -2.45 2.37
N GLU A 275 26.73 -1.52 1.44
CA GLU A 275 27.07 -0.16 1.84
C GLU A 275 25.91 0.49 2.59
N ALA A 276 24.69 0.30 2.07
CA ALA A 276 23.52 0.86 2.72
C ALA A 276 23.36 0.25 4.12
N LEU A 277 23.41 -1.07 4.20
CA LEU A 277 23.28 -1.76 5.49
C LEU A 277 24.30 -1.22 6.50
N GLU A 278 25.54 -1.03 6.03
CA GLU A 278 26.64 -0.61 6.88
C GLU A 278 26.40 0.78 7.47
N LEU A 279 25.75 1.65 6.69
CA LEU A 279 25.43 3.00 7.14
C LEU A 279 24.33 3.01 8.19
N VAL A 280 23.37 2.10 8.05
CA VAL A 280 22.25 2.04 8.97
C VAL A 280 22.68 1.39 10.29
N LYS A 281 23.69 0.54 10.20
CA LYS A 281 24.28 -0.08 11.38
C LYS A 281 25.07 0.97 12.14
N ALA A 282 25.81 1.79 11.40
CA ALA A 282 26.60 2.88 11.96
C ALA A 282 25.72 4.00 12.54
N GLU A 283 24.71 4.41 11.77
CA GLU A 283 23.77 5.45 12.19
C GLU A 283 22.34 4.91 12.18
N PRO A 284 21.92 4.26 13.27
CA PRO A 284 20.56 3.71 13.34
C PRO A 284 19.49 4.77 13.04
N GLY A 285 19.80 6.04 13.28
CA GLY A 285 18.89 7.13 12.97
C GLY A 285 18.59 7.29 11.48
N LEU A 286 19.37 6.63 10.64
CA LEU A 286 19.17 6.66 9.18
C LEU A 286 18.10 5.68 8.70
N MET A 287 17.62 4.80 9.58
CA MET A 287 16.70 3.74 9.14
C MET A 287 15.46 4.34 8.51
N ARG A 288 14.92 5.38 9.14
CA ARG A 288 13.73 6.07 8.66
C ARG A 288 13.91 6.51 7.21
N ASN A 289 15.01 7.21 6.94
CA ASN A 289 15.29 7.67 5.59
C ASN A 289 15.53 6.53 4.62
N ALA A 290 16.17 5.47 5.10
CA ALA A 290 16.43 4.30 4.26
C ALA A 290 15.13 3.63 3.81
N LEU A 291 14.12 3.66 4.66
CA LEU A 291 12.86 2.98 4.36
C LEU A 291 12.11 3.79 3.33
N ASP A 292 12.25 5.12 3.41
CA ASP A 292 11.63 5.99 2.40
C ASP A 292 12.33 5.81 1.05
N GLU A 293 13.64 5.66 1.09
CA GLU A 293 14.41 5.43 -0.12
C GLU A 293 14.11 4.05 -0.74
N VAL A 294 13.72 3.08 0.10
CA VAL A 294 13.33 1.78 -0.46
C VAL A 294 12.17 1.96 -1.42
N LEU A 295 11.18 2.75 -1.01
CA LEU A 295 10.00 2.99 -1.84
C LEU A 295 10.25 3.93 -3.00
N ARG A 296 11.26 4.79 -2.84
CA ARG A 296 11.65 5.70 -3.93
C ARG A 296 12.42 4.91 -5.00
N PHE A 297 13.40 4.13 -4.57
CA PHE A 297 14.31 3.44 -5.47
C PHE A 297 13.64 2.21 -6.08
N ASP A 298 12.86 1.51 -5.27
CA ASP A 298 12.28 0.23 -5.69
C ASP A 298 10.82 0.13 -5.31
N ASN A 299 10.01 1.01 -5.90
CA ASN A 299 8.64 1.15 -5.49
C ASN A 299 7.89 -0.16 -5.66
N ILE A 300 7.08 -0.50 -4.66
CA ILE A 300 6.36 -1.78 -4.62
C ILE A 300 5.18 -1.88 -5.58
N LEU A 301 4.75 -0.76 -6.15
CA LEU A 301 3.62 -0.76 -7.06
C LEU A 301 4.03 -1.28 -8.44
N ARG A 302 3.23 -2.20 -8.98
CA ARG A 302 3.47 -2.76 -10.33
C ARG A 302 3.31 -1.71 -11.40
N ILE A 303 2.22 -0.97 -11.32
CA ILE A 303 1.97 0.12 -12.27
C ILE A 303 1.89 1.46 -11.51
N GLY A 304 0.87 1.61 -10.67
CA GLY A 304 0.74 2.82 -9.88
C GLY A 304 -0.66 3.03 -9.36
N THR A 305 -1.15 4.26 -9.46
CA THR A 305 -2.49 4.54 -9.04
C THR A 305 -3.24 5.19 -10.18
N VAL A 306 -4.56 5.32 -10.04
CA VAL A 306 -5.39 5.79 -11.15
C VAL A 306 -6.15 7.07 -10.84
N ARG A 307 -6.45 7.79 -11.92
CA ARG A 307 -7.34 8.94 -11.90
C ARG A 307 -8.22 8.86 -13.13
N PHE A 308 -9.31 9.64 -13.15
CA PHE A 308 -10.23 9.65 -14.27
C PHE A 308 -10.53 11.08 -14.75
N ALA A 309 -10.51 11.26 -16.06
CA ALA A 309 -10.75 12.57 -16.66
C ALA A 309 -12.20 13.01 -16.49
N ARG A 310 -12.41 14.16 -15.87
CA ARG A 310 -13.75 14.68 -15.62
C ARG A 310 -14.33 15.43 -16.82
N GLN A 311 -13.51 15.59 -17.85
CA GLN A 311 -13.86 16.37 -19.03
C GLN A 311 -12.81 16.11 -20.11
N ASP A 312 -13.13 16.43 -21.36
CA ASP A 312 -12.14 16.37 -22.43
C ASP A 312 -10.99 17.32 -22.14
N LEU A 313 -9.76 16.91 -22.44
CA LEU A 313 -8.60 17.78 -22.27
C LEU A 313 -7.40 17.24 -23.05
N GLU A 314 -6.44 18.14 -23.32
CA GLU A 314 -5.17 17.75 -23.93
C GLU A 314 -4.10 17.72 -22.84
N TYR A 315 -3.30 16.67 -22.83
CA TYR A 315 -2.30 16.48 -21.79
C TYR A 315 -1.06 15.78 -22.32
N CYS A 316 0.08 16.47 -22.27
CA CYS A 316 1.35 15.91 -22.72
C CYS A 316 1.30 15.47 -24.19
N GLY A 317 0.43 16.11 -24.96
CA GLY A 317 0.31 15.83 -26.38
C GLY A 317 -0.72 14.77 -26.71
N ALA A 318 -1.56 14.42 -25.73
CA ALA A 318 -2.61 13.44 -25.94
C ALA A 318 -3.98 14.05 -25.78
N SER A 319 -4.93 13.57 -26.58
CA SER A 319 -6.30 14.03 -26.51
C SER A 319 -7.11 13.10 -25.62
N ILE A 320 -7.18 13.44 -24.34
CA ILE A 320 -7.87 12.59 -23.37
C ILE A 320 -9.34 12.96 -23.27
N LYS A 321 -10.19 11.95 -23.36
CA LYS A 321 -11.63 12.20 -23.31
C LYS A 321 -12.22 12.04 -21.91
N LYS A 322 -13.36 12.69 -21.69
CA LYS A 322 -14.08 12.60 -20.43
C LYS A 322 -14.34 11.16 -20.01
N GLY A 323 -14.02 10.83 -18.76
CA GLY A 323 -14.29 9.51 -18.21
C GLY A 323 -13.25 8.45 -18.51
N GLU A 324 -12.18 8.84 -19.20
CA GLU A 324 -11.08 7.95 -19.50
C GLU A 324 -10.13 7.83 -18.30
N MET A 325 -9.63 6.62 -18.08
CA MET A 325 -8.75 6.33 -16.96
C MET A 325 -7.31 6.75 -17.26
N VAL A 326 -6.62 7.20 -16.24
CA VAL A 326 -5.21 7.51 -16.36
C VAL A 326 -4.42 6.86 -15.24
N PHE A 327 -3.39 6.10 -15.61
CA PHE A 327 -2.46 5.50 -14.67
C PHE A 327 -1.23 6.37 -14.46
N LEU A 328 -0.90 6.62 -13.20
CA LEU A 328 0.30 7.34 -12.82
C LEU A 328 1.35 6.28 -12.60
N LEU A 329 2.36 6.21 -13.47
CA LEU A 329 3.37 5.14 -13.40
C LEU A 329 4.42 5.43 -12.31
N ILE A 330 4.07 5.11 -11.06
CA ILE A 330 4.87 5.50 -9.91
C ILE A 330 6.31 5.03 -9.89
N PRO A 331 6.59 3.76 -10.15
CA PRO A 331 7.98 3.28 -10.12
C PRO A 331 8.82 3.97 -11.18
N SER A 332 8.19 4.46 -12.23
CA SER A 332 8.88 5.18 -13.29
C SER A 332 9.18 6.62 -12.89
N ALA A 333 8.14 7.33 -12.46
CA ALA A 333 8.29 8.70 -12.01
C ALA A 333 9.38 8.79 -10.93
N LEU A 334 9.51 7.73 -10.13
CA LEU A 334 10.43 7.77 -9.01
C LEU A 334 11.85 7.43 -9.44
N ARG A 335 12.02 7.09 -10.72
CA ARG A 335 13.36 6.95 -11.29
C ARG A 335 13.70 8.10 -12.25
N ASP A 336 12.94 9.18 -12.17
CA ASP A 336 13.12 10.30 -13.08
C ASP A 336 14.38 11.09 -12.70
N GLY A 337 15.36 11.10 -13.59
CA GLY A 337 16.65 11.72 -13.33
C GLY A 337 16.65 13.24 -13.27
N THR A 338 15.58 13.86 -13.73
CA THR A 338 15.48 15.30 -13.60
C THR A 338 15.08 15.68 -12.18
N VAL A 339 14.76 14.68 -11.36
CA VAL A 339 14.28 14.96 -10.01
C VAL A 339 15.16 14.34 -8.93
N PHE A 340 15.58 13.10 -9.14
CA PHE A 340 16.49 12.44 -8.22
C PHE A 340 17.81 12.22 -8.93
N SER A 341 18.90 12.73 -8.35
CA SER A 341 20.23 12.55 -8.92
C SER A 341 20.70 11.13 -8.70
N ARG A 342 21.41 10.58 -9.67
CA ARG A 342 21.80 9.18 -9.64
C ARG A 342 20.58 8.31 -9.28
N PRO A 343 19.51 8.43 -10.07
CA PRO A 343 18.21 7.85 -9.70
C PRO A 343 18.24 6.33 -9.64
N ASP A 344 19.20 5.69 -10.31
CA ASP A 344 19.28 4.23 -10.31
C ASP A 344 20.24 3.72 -9.25
N VAL A 345 20.53 4.57 -8.27
CA VAL A 345 21.36 4.18 -7.15
C VAL A 345 20.51 4.24 -5.87
N PHE A 346 20.54 3.15 -5.10
CA PHE A 346 19.91 3.09 -3.79
C PHE A 346 20.79 3.85 -2.80
N ASP A 347 20.34 5.04 -2.41
CA ASP A 347 21.15 5.93 -1.58
C ASP A 347 20.41 6.35 -0.33
N VAL A 348 20.69 5.68 0.78
CA VAL A 348 19.95 5.91 2.02
C VAL A 348 20.27 7.26 2.70
N ARG A 349 21.18 8.03 2.09
CA ARG A 349 21.49 9.38 2.54
C ARG A 349 20.81 10.45 1.69
N ARG A 350 20.25 10.06 0.55
CA ARG A 350 19.63 11.05 -0.32
C ARG A 350 18.47 11.76 0.34
N ASP A 351 18.17 12.95 -0.14
CA ASP A 351 16.94 13.61 0.23
C ASP A 351 15.79 12.88 -0.49
N THR A 352 14.86 12.33 0.29
CA THR A 352 13.76 11.55 -0.30
C THR A 352 12.46 12.32 -0.28
N SER A 353 12.53 13.63 0.01
CA SER A 353 11.33 14.47 0.16
C SER A 353 10.40 14.39 -1.03
N ALA A 354 10.98 14.32 -2.23
CA ALA A 354 10.18 14.35 -3.45
C ALA A 354 9.52 13.00 -3.78
N SER A 355 9.85 11.95 -3.03
CA SER A 355 9.20 10.65 -3.28
C SER A 355 7.67 10.79 -3.23
N LEU A 356 6.96 10.21 -4.20
CA LEU A 356 5.48 10.23 -4.24
C LEU A 356 4.88 8.91 -3.77
N ALA A 357 5.72 8.05 -3.23
CA ALA A 357 5.36 6.69 -2.78
C ALA A 357 4.09 6.64 -1.91
N TYR A 358 3.86 7.69 -1.10
CA TYR A 358 2.67 7.73 -0.25
C TYR A 358 1.64 8.72 -0.75
N GLY A 359 1.78 9.15 -2.00
CA GLY A 359 0.80 10.01 -2.62
C GLY A 359 0.99 11.50 -2.32
N ARG A 360 0.07 12.31 -2.84
CA ARG A 360 0.05 13.77 -2.67
C ARG A 360 -1.39 14.26 -2.66
N GLY A 361 -1.63 15.38 -1.99
CA GLY A 361 -2.96 15.97 -1.98
C GLY A 361 -3.89 15.40 -0.93
N PRO A 362 -5.18 15.62 -1.13
CA PRO A 362 -6.20 15.19 -0.17
C PRO A 362 -6.23 13.69 0.06
N HIS A 363 -5.78 12.89 -0.92
CA HIS A 363 -5.85 11.44 -0.77
C HIS A 363 -4.57 10.86 -0.23
N VAL A 364 -3.65 11.73 0.20
CA VAL A 364 -2.35 11.30 0.68
C VAL A 364 -2.54 10.19 1.74
N CYS A 365 -1.69 9.19 1.71
CA CYS A 365 -1.89 8.01 2.55
C CYS A 365 -1.94 8.36 4.03
N PRO A 366 -3.04 8.01 4.72
CA PRO A 366 -3.11 8.27 6.16
C PRO A 366 -2.22 7.36 6.98
N GLY A 367 -1.87 6.20 6.43
CA GLY A 367 -1.10 5.22 7.16
C GLY A 367 0.41 5.39 7.10
N VAL A 368 0.89 6.47 6.49
CA VAL A 368 2.33 6.67 6.32
C VAL A 368 3.11 6.54 7.63
N SER A 369 2.60 7.13 8.71
CA SER A 369 3.32 7.02 9.99
C SER A 369 3.31 5.62 10.59
N LEU A 370 2.14 4.97 10.54
CA LEU A 370 2.03 3.58 10.99
C LEU A 370 2.95 2.64 10.18
N ALA A 371 2.94 2.79 8.85
CA ALA A 371 3.81 1.99 8.01
C ALA A 371 5.29 2.17 8.35
N ARG A 372 5.71 3.43 8.50
CA ARG A 372 7.12 3.68 8.77
C ARG A 372 7.51 3.10 10.11
N LEU A 373 6.63 3.24 11.09
CA LEU A 373 6.88 2.68 12.44
C LEU A 373 7.02 1.17 12.40
N GLU A 374 6.05 0.50 11.76
CA GLU A 374 6.14 -0.94 11.68
C GLU A 374 7.42 -1.39 11.01
N ALA A 375 7.78 -0.73 9.92
CA ALA A 375 8.97 -1.14 9.18
C ALA A 375 10.24 -0.82 9.96
N GLU A 376 10.25 0.31 10.65
CA GLU A 376 11.41 0.67 11.46
C GLU A 376 11.68 -0.40 12.51
N ILE A 377 10.63 -0.78 13.22
CA ILE A 377 10.74 -1.84 14.22
C ILE A 377 11.11 -3.19 13.60
N ALA A 378 10.43 -3.58 12.53
CA ALA A 378 10.63 -4.90 11.93
C ALA A 378 12.01 -5.04 11.30
N VAL A 379 12.40 -4.06 10.50
CA VAL A 379 13.67 -4.10 9.78
C VAL A 379 14.84 -3.79 10.74
N GLY A 380 14.68 -2.79 11.59
CA GLY A 380 15.69 -2.49 12.61
C GLY A 380 16.00 -3.71 13.45
N THR A 381 14.95 -4.35 14.00
CA THR A 381 15.12 -5.52 14.86
C THR A 381 15.82 -6.69 14.21
N ILE A 382 15.36 -7.06 13.01
CA ILE A 382 15.90 -8.25 12.35
C ILE A 382 17.40 -8.13 12.09
N PHE A 383 17.85 -6.95 11.68
CA PHE A 383 19.26 -6.70 11.40
C PHE A 383 20.10 -6.50 12.67
N ARG A 384 19.48 -6.02 13.74
CA ARG A 384 20.18 -5.87 15.03
C ARG A 384 20.38 -7.23 15.66
N ARG A 385 19.39 -8.10 15.50
CA ARG A 385 19.44 -9.43 16.08
C ARG A 385 20.24 -10.41 15.23
N PHE A 386 20.25 -10.18 13.91
CA PHE A 386 20.97 -11.06 12.99
C PHE A 386 21.74 -10.24 11.96
N PRO A 387 22.77 -9.52 12.42
CA PRO A 387 23.51 -8.57 11.57
C PRO A 387 24.24 -9.22 10.39
N GLU A 388 24.47 -10.52 10.46
CA GLU A 388 25.18 -11.24 9.39
C GLU A 388 24.21 -11.92 8.41
N MET A 389 22.92 -11.63 8.52
CA MET A 389 21.91 -12.22 7.64
C MET A 389 22.30 -12.13 6.16
N LYS A 390 22.07 -13.20 5.40
CA LYS A 390 22.39 -13.23 3.98
C LYS A 390 21.25 -13.82 3.17
N LEU A 391 21.10 -13.36 1.94
CA LEU A 391 20.17 -13.94 0.97
C LEU A 391 20.54 -15.38 0.64
N LYS A 392 19.61 -16.31 0.82
CA LYS A 392 19.87 -17.70 0.48
C LYS A 392 19.82 -17.90 -1.03
N GLU A 393 18.87 -17.22 -1.68
CA GLU A 393 18.68 -17.34 -3.11
C GLU A 393 17.66 -16.32 -3.58
N THR A 394 17.57 -16.14 -4.90
CA THR A 394 16.71 -15.11 -5.49
C THR A 394 15.28 -15.16 -4.97
N PRO A 395 14.76 -14.01 -4.57
CA PRO A 395 13.36 -13.92 -4.14
C PRO A 395 12.42 -14.30 -5.28
N VAL A 396 11.28 -14.87 -4.94
CA VAL A 396 10.27 -15.20 -5.93
C VAL A 396 9.17 -14.13 -5.97
N PHE A 397 8.83 -13.67 -7.17
CA PHE A 397 7.81 -12.64 -7.35
C PHE A 397 6.55 -13.25 -7.98
N GLY A 398 5.40 -12.61 -7.80
CA GLY A 398 4.16 -13.11 -8.37
C GLY A 398 3.52 -12.15 -9.37
N TYR A 399 2.20 -12.21 -9.50
CA TYR A 399 1.45 -11.44 -10.49
C TYR A 399 0.25 -10.70 -9.88
N HIS A 400 0.39 -10.24 -8.65
CA HIS A 400 -0.63 -9.39 -8.02
C HIS A 400 -0.93 -8.19 -8.94
N PRO A 401 -2.20 -7.87 -9.14
CA PRO A 401 -2.58 -6.80 -10.08
C PRO A 401 -2.07 -5.42 -9.68
N ALA A 402 -1.79 -5.21 -8.40
CA ALA A 402 -1.35 -3.89 -7.94
C ALA A 402 0.12 -3.83 -7.49
N PHE A 403 0.66 -4.95 -7.04
CA PHE A 403 1.97 -4.93 -6.42
C PHE A 403 2.96 -5.80 -7.15
N ARG A 404 4.22 -5.40 -7.09
CA ARG A 404 5.31 -6.28 -7.43
C ARG A 404 5.50 -7.20 -6.22
N ASN A 405 4.59 -8.16 -6.05
CA ASN A 405 4.50 -8.93 -4.81
C ASN A 405 5.59 -9.97 -4.68
N ILE A 406 6.36 -9.90 -3.59
CA ILE A 406 7.34 -10.94 -3.30
C ILE A 406 6.64 -12.07 -2.57
N GLU A 407 6.72 -13.27 -3.14
CA GLU A 407 6.08 -14.43 -2.55
C GLU A 407 6.95 -15.10 -1.50
N SER A 408 8.26 -15.06 -1.69
CA SER A 408 9.21 -15.63 -0.75
C SER A 408 10.54 -14.88 -0.80
N LEU A 409 11.14 -14.68 0.37
CA LEU A 409 12.42 -14.04 0.51
C LEU A 409 13.21 -14.87 1.51
N ASN A 410 13.94 -15.85 1.01
CA ASN A 410 14.59 -16.83 1.86
C ASN A 410 15.98 -16.39 2.26
N VAL A 411 16.25 -16.42 3.56
CA VAL A 411 17.53 -15.96 4.08
C VAL A 411 18.11 -16.97 5.05
N ILE A 412 19.39 -16.79 5.34
CA ILE A 412 20.07 -17.50 6.42
C ILE A 412 20.44 -16.46 7.45
N LEU A 413 19.83 -16.57 8.63
CA LEU A 413 19.99 -15.55 9.65
C LEU A 413 21.41 -15.48 10.21
N LYS A 414 21.93 -16.62 10.66
CA LYS A 414 23.31 -16.67 11.15
C LYS A 414 24.15 -17.66 10.36
N PRO A 415 24.73 -17.19 9.25
CA PRO A 415 25.50 -18.05 8.36
C PRO A 415 26.85 -18.46 8.95
N SER A 416 27.29 -19.68 8.63
CA SER A 416 28.61 -20.17 9.05
C SER A 416 28.83 -21.61 8.59
CHA HEM B . -3.88 5.86 0.24
CHB HEM B . 0.53 4.03 -0.39
CHC HEM B . 0.31 2.00 4.04
CHD HEM B . -4.30 3.34 4.38
C1A HEM B . -2.63 5.61 -0.27
C2A HEM B . -2.08 6.18 -1.49
C3A HEM B . -0.87 5.65 -1.67
C4A HEM B . -0.61 4.75 -0.57
CMA HEM B . 0.09 5.97 -2.85
CAA HEM B . -2.81 7.20 -2.39
CBA HEM B . -3.46 6.50 -3.59
CGA HEM B . -4.07 7.53 -4.51
O1A HEM B . -4.77 7.15 -5.50
O2A HEM B . -3.86 8.76 -4.26
C1B HEM B . 0.82 3.34 0.76
C2B HEM B . 2.07 2.67 1.00
C3B HEM B . 2.01 2.09 2.18
C4B HEM B . 0.72 2.38 2.77
CMB HEM B . 3.28 2.58 0.02
CAB HEM B . 3.20 1.30 2.76
CBB HEM B . 3.04 0.42 3.74
C1C HEM B . -0.94 2.21 4.55
C2C HEM B . -1.41 1.83 5.86
C3C HEM B . -2.69 2.20 5.94
C4C HEM B . -3.05 2.85 4.69
CMC HEM B . -0.53 1.13 6.92
CAC HEM B . -3.70 2.06 7.09
CBC HEM B . -3.30 1.73 8.31
C1D HEM B . -4.61 4.08 3.27
C2D HEM B . -5.95 4.54 2.99
C3D HEM B . -5.82 5.33 1.70
C4D HEM B . -4.44 5.25 1.33
CMD HEM B . -7.21 4.30 3.83
CAD HEM B . -6.95 6.08 0.97
CBD HEM B . -6.72 7.57 1.28
CGD HEM B . -7.73 8.43 0.58
O1D HEM B . -8.16 8.04 -0.54
O2D HEM B . -8.14 9.49 1.14
NA HEM B . -1.71 4.75 0.28
NB HEM B . -0.02 3.16 1.87
NC HEM B . -1.97 2.81 3.87
ND HEM B . -3.75 4.51 2.28
FE HEM B . -1.78 3.93 2.14
O16 EPB C . -4.19 -2.59 -2.59
C51 EPB C . -0.87 0.85 -3.18
O41 EPB C . -2.01 1.82 -0.96
C5 EPB C . -1.90 1.49 -2.33
C4 EPB C . -2.97 0.82 -1.31
C16 EPB C . -4.71 -1.81 -3.30
O1 EPB C . -5.26 -0.60 -2.91
C2 EPB C . -5.27 -0.11 -1.44
C3 EPB C . -4.36 1.17 -1.34
C20 EPB C . -6.80 0.18 -1.21
C21 EPB C . -7.62 -1.09 -1.16
C22 EPB C . -7.30 1.45 -1.08
C23 EPB C . -8.66 1.96 -0.90
N26 EPB C . -9.72 1.31 -1.53
C25 EPB C . -10.89 1.93 -1.28
C27 EPB C . -12.14 1.35 -1.85
C24 EPB C . -9.04 3.07 -0.23
S1 EPB C . -10.73 3.30 -0.34
C15 EPB C . -4.86 -2.10 -4.82
C14 EPB C . -6.30 -1.75 -5.45
O14 EPB C . -7.20 -2.44 -4.59
C13 EPB C . -6.47 -2.05 -7.04
C29 EPB C . -6.31 -3.59 -7.28
C30 EPB C . -7.90 -1.72 -7.46
C12 EPB C . -5.35 -1.28 -7.94
O12 EPB C . -4.54 -1.94 -8.66
C11 EPB C . -5.14 0.28 -7.98
C28 EPB C . -5.09 0.62 -9.50
C10 EPB C . -4.14 0.64 -6.93
O10 EPB C . -2.80 0.21 -7.34
C9 EPB C . -4.20 2.14 -6.77
C91 EPB C . -5.51 2.52 -6.26
C8 EPB C . -3.33 2.71 -5.70
C7 EPB C . -2.55 1.67 -4.81
C6 EPB C . -3.08 2.12 -3.35
#